data_6R1O
#
_entry.id   6R1O
#
_cell.length_a   85.410
_cell.length_b   85.410
_cell.length_c   317.716
_cell.angle_alpha   90.00
_cell.angle_beta   90.00
_cell.angle_gamma   120.00
#
_symmetry.space_group_name_H-M   'P 61 2 2'
#
loop_
_entity.id
_entity.type
_entity.pdbx_description
1 polymer 'Serine--tRNA ligase'
2 non-polymer '[(2~{R},3~{S},4~{R},5~{R})-5-(6-azanyl-2-pyridin-3-yl-purin-9-yl)-3,4-bis(oxidanyl)oxolan-2-yl]methyl ~{N}-[(2~{S})-2-azanyl-3-oxidanyl-propanoyl]sulfamate'
3 non-polymer 'CHLORIDE ION'
4 non-polymer 'SULFATE ION'
5 non-polymer 'DIMETHYL SULFOXIDE'
6 non-polymer 1,2-ETHANEDIOL
7 non-polymer 2-AMINO-2-HYDROXYMETHYL-PROPANE-1,3-DIOL
8 water water
#
_entity_poly.entity_id   1
_entity_poly.type   'polypeptide(L)'
_entity_poly.pdbx_seq_one_letter_code
;MLDPNLLRNEPDAVAEKLARRGFKLDVDKLGALEERRKVLQVKTENLQAERNSRSKSIGQAKARGEDIEPLRLEVNKLGE
ELDAAKAELDALQAEIRDIALTIPNLPADEVPVGKDENDNVEVSRWGTPREFDFEVRDHVTLGEMHSGLDFAAAVKLTGS
RFVVMKGQIARMHRALSQFMLDLHTEQHGYSENYVPYLVNQDTLYGTGQLPKFAGDLFHTRPLEEEADTSNYALIPTAEV
PLTNLVRGEIIDEDDLPIKMTAHTPCFRSEAGSYGRDTRGLIRMHQFDKVEMVQIVRPEDSMAALEEMTGHAEKVLQLLG
LPYRKIILCTGDMGFGACKTYDLEVWIPAQNTYREISSCSNVWDFQARRMQARCRSKSDKKTRLVHTLNGSGLAVGRTLV
AVMENYQQADGRIEVPEVLRPYMNGLEYIGELALVPR
;
_entity_poly.pdbx_strand_id   A
#
loop_
_chem_comp.id
_chem_comp.type
_chem_comp.name
_chem_comp.formula
CL non-polymer 'CHLORIDE ION' 'Cl -1'
DMS non-polymer 'DIMETHYL SULFOXIDE' 'C2 H6 O S'
EDO non-polymer 1,2-ETHANEDIOL 'C2 H6 O2'
JPE non-polymer '[(2~{R},3~{S},4~{R},5~{R})-5-(6-azanyl-2-pyridin-3-yl-purin-9-yl)-3,4-bis(oxidanyl)oxolan-2-yl]methyl ~{N}-[(2~{S})-2-azanyl-3-oxidanyl-propanoyl]sulfamate' 'C18 H22 N8 O8 S'
SO4 non-polymer 'SULFATE ION' 'O4 S -2'
TRS non-polymer 2-AMINO-2-HYDROXYMETHYL-PROPANE-1,3-DIOL 'C4 H12 N O3 1'
#
# COMPACT_ATOMS: atom_id res chain seq x y z
N MET A 1 -1.33 -10.94 -2.27
CA MET A 1 -0.98 -12.26 -2.81
C MET A 1 -1.65 -12.54 -4.15
N LEU A 2 -1.01 -13.35 -4.98
CA LEU A 2 -1.62 -13.78 -6.22
C LEU A 2 -2.52 -14.99 -5.95
N ASP A 3 -3.50 -15.21 -6.84
CA ASP A 3 -4.45 -16.33 -6.82
C ASP A 3 -3.63 -17.64 -6.72
N PRO A 4 -3.75 -18.45 -5.64
CA PRO A 4 -2.95 -19.69 -5.57
C PRO A 4 -3.16 -20.63 -6.75
N ASN A 5 -4.35 -20.54 -7.39
CA ASN A 5 -4.72 -21.36 -8.53
C ASN A 5 -3.91 -21.02 -9.78
N LEU A 6 -3.58 -19.74 -10.00
CA LEU A 6 -2.74 -19.37 -11.13
C LEU A 6 -1.33 -19.88 -10.92
N LEU A 7 -0.83 -19.81 -9.68
CA LEU A 7 0.52 -20.29 -9.35
C LEU A 7 0.63 -21.80 -9.48
N ARG A 8 -0.44 -22.55 -9.10
CA ARG A 8 -0.47 -24.01 -9.25
C ARG A 8 -0.75 -24.47 -10.70
N ASN A 9 -1.70 -23.83 -11.42
CA ASN A 9 -2.16 -24.24 -12.76
C ASN A 9 -1.50 -23.53 -13.95
N GLU A 10 -1.15 -22.24 -13.87
CA GLU A 10 -0.50 -21.56 -15.01
C GLU A 10 0.87 -20.91 -14.58
N PRO A 11 1.83 -21.61 -13.89
CA PRO A 11 3.03 -20.91 -13.41
C PRO A 11 3.90 -20.21 -14.45
N ASP A 12 4.01 -20.79 -15.66
CA ASP A 12 4.82 -20.26 -16.75
C ASP A 12 4.35 -18.90 -17.28
N ALA A 13 3.02 -18.66 -17.27
CA ALA A 13 2.42 -17.38 -17.70
C ALA A 13 2.54 -16.37 -16.56
N VAL A 14 2.38 -16.84 -15.30
CA VAL A 14 2.55 -16.01 -14.10
C VAL A 14 4.00 -15.48 -14.09
N ALA A 15 4.99 -16.40 -14.27
CA ALA A 15 6.41 -16.06 -14.31
C ALA A 15 6.72 -15.08 -15.44
N GLU A 16 6.07 -15.28 -16.61
CA GLU A 16 6.23 -14.44 -17.80
C GLU A 16 5.79 -13.00 -17.51
N LYS A 17 4.63 -12.85 -16.85
N LYS A 17 4.63 -12.84 -16.84
CA LYS A 17 4.08 -11.54 -16.47
CA LYS A 17 4.08 -11.54 -16.45
C LYS A 17 4.93 -10.87 -15.36
C LYS A 17 4.91 -10.87 -15.36
N LEU A 18 5.42 -11.67 -14.39
CA LEU A 18 6.25 -11.20 -13.27
C LEU A 18 7.64 -10.80 -13.74
N ALA A 19 8.15 -11.45 -14.81
CA ALA A 19 9.46 -11.10 -15.37
C ALA A 19 9.43 -9.70 -15.98
N ARG A 20 8.26 -9.30 -16.55
CA ARG A 20 8.05 -7.98 -17.16
C ARG A 20 8.31 -6.86 -16.15
N ARG A 21 8.00 -7.12 -14.87
CA ARG A 21 8.23 -6.18 -13.77
C ARG A 21 9.56 -6.46 -13.03
N GLY A 22 10.41 -7.31 -13.62
CA GLY A 22 11.72 -7.64 -13.08
C GLY A 22 11.80 -8.69 -11.99
N PHE A 23 10.72 -9.43 -11.73
CA PHE A 23 10.70 -10.46 -10.70
C PHE A 23 10.93 -11.84 -11.34
N LYS A 24 11.93 -12.62 -10.86
CA LYS A 24 12.13 -13.97 -11.42
C LYS A 24 11.42 -14.95 -10.52
N LEU A 25 10.30 -15.53 -11.01
CA LEU A 25 9.52 -16.50 -10.25
C LEU A 25 10.23 -17.83 -10.26
N ASP A 26 10.64 -18.30 -9.08
CA ASP A 26 11.36 -19.57 -8.93
C ASP A 26 10.40 -20.79 -9.06
N VAL A 27 9.84 -20.97 -10.28
CA VAL A 27 8.90 -22.00 -10.68
C VAL A 27 9.33 -23.40 -10.18
N ASP A 28 10.64 -23.70 -10.30
CA ASP A 28 11.23 -24.98 -9.89
C ASP A 28 11.21 -25.22 -8.38
N LYS A 29 11.52 -24.19 -7.56
CA LYS A 29 11.49 -24.27 -6.09
C LYS A 29 10.05 -24.50 -5.66
N LEU A 30 9.15 -23.62 -6.13
CA LEU A 30 7.71 -23.60 -5.86
C LEU A 30 7.04 -24.94 -6.22
N GLY A 31 7.33 -25.45 -7.42
CA GLY A 31 6.81 -26.72 -7.93
C GLY A 31 7.25 -27.92 -7.11
N ALA A 32 8.49 -27.88 -6.56
CA ALA A 32 9.07 -28.92 -5.70
C ALA A 32 8.30 -28.97 -4.36
N LEU A 33 8.05 -27.78 -3.74
CA LEU A 33 7.31 -27.66 -2.49
C LEU A 33 5.87 -28.06 -2.67
N GLU A 34 5.24 -27.59 -3.77
CA GLU A 34 3.85 -27.87 -4.13
C GLU A 34 3.65 -29.37 -4.29
N GLU A 35 4.61 -30.02 -4.98
CA GLU A 35 4.63 -31.46 -5.18
C GLU A 35 4.78 -32.19 -3.84
N ARG A 36 5.72 -31.71 -2.99
N ARG A 36 5.72 -31.76 -2.98
CA ARG A 36 6.01 -32.24 -1.66
CA ARG A 36 5.90 -32.44 -1.69
C ARG A 36 4.76 -32.19 -0.77
C ARG A 36 4.67 -32.28 -0.79
N ARG A 37 3.89 -31.18 -0.99
CA ARG A 37 2.65 -30.92 -0.27
C ARG A 37 1.59 -31.97 -0.58
N LYS A 38 1.39 -32.29 -1.87
CA LYS A 38 0.43 -33.30 -2.33
C LYS A 38 0.80 -34.68 -1.82
N VAL A 39 2.11 -35.00 -1.82
CA VAL A 39 2.65 -36.27 -1.33
C VAL A 39 2.35 -36.42 0.17
N LEU A 40 2.53 -35.35 0.96
CA LEU A 40 2.25 -35.35 2.39
C LEU A 40 0.78 -35.45 2.68
N GLN A 41 -0.06 -34.70 1.91
CA GLN A 41 -1.52 -34.76 2.01
C GLN A 41 -2.00 -36.21 1.88
N VAL A 42 -1.45 -36.96 0.92
CA VAL A 42 -1.78 -38.37 0.71
C VAL A 42 -1.24 -39.25 1.84
N LYS A 43 0.00 -38.98 2.29
CA LYS A 43 0.68 -39.72 3.34
C LYS A 43 -0.12 -39.70 4.64
N THR A 44 -0.72 -38.53 5.00
CA THR A 44 -1.56 -38.37 6.21
C THR A 44 -2.85 -39.20 6.05
N GLU A 45 -3.49 -39.10 4.86
CA GLU A 45 -4.71 -39.84 4.52
C GLU A 45 -4.47 -41.36 4.63
N ASN A 46 -3.36 -41.87 4.04
CA ASN A 46 -3.00 -43.28 4.14
C ASN A 46 -2.76 -43.68 5.60
N LEU A 47 -1.97 -42.88 6.35
CA LEU A 47 -1.70 -43.15 7.76
C LEU A 47 -2.97 -43.14 8.60
N GLN A 48 -3.97 -42.31 8.22
CA GLN A 48 -5.25 -42.24 8.94
C GLN A 48 -6.09 -43.45 8.60
N ALA A 49 -6.04 -43.90 7.33
CA ALA A 49 -6.78 -45.06 6.86
C ALA A 49 -6.27 -46.31 7.60
N GLU A 50 -4.94 -46.42 7.69
CA GLU A 50 -4.28 -47.54 8.37
C GLU A 50 -4.61 -47.51 9.87
N ARG A 51 -4.56 -46.33 10.49
CA ARG A 51 -4.85 -46.21 11.94
C ARG A 51 -6.31 -46.58 12.23
N ASN A 52 -7.23 -46.10 11.41
CA ASN A 52 -8.67 -46.38 11.61
C ASN A 52 -8.89 -47.88 11.46
N SER A 53 -8.21 -48.50 10.49
CA SER A 53 -8.36 -49.94 10.24
C SER A 53 -7.81 -50.76 11.40
N ARG A 54 -6.58 -50.45 11.84
CA ARG A 54 -5.94 -51.16 12.95
C ARG A 54 -6.69 -50.94 14.26
N SER A 55 -7.33 -49.75 14.42
CA SER A 55 -8.15 -49.37 15.57
C SER A 55 -9.52 -50.08 15.53
N LYS A 56 -10.03 -50.40 14.32
CA LYS A 56 -11.27 -51.17 14.08
C LYS A 56 -10.92 -52.66 14.29
N SER A 57 -9.67 -53.03 14.04
CA SER A 57 -9.16 -54.38 14.23
C SER A 57 -8.98 -54.62 15.75
N ILE A 58 -8.49 -53.56 16.47
CA ILE A 58 -8.29 -53.56 17.93
C ILE A 58 -9.62 -53.74 18.64
N GLY A 59 -10.70 -53.30 17.97
CA GLY A 59 -12.09 -53.44 18.40
C GLY A 59 -12.57 -54.87 18.26
N GLN A 60 -12.19 -55.55 17.14
CA GLN A 60 -12.53 -56.97 16.89
C GLN A 60 -11.82 -57.86 17.91
N ALA A 61 -10.59 -57.47 18.31
CA ALA A 61 -9.78 -58.14 19.33
C ALA A 61 -10.41 -58.02 20.72
N LYS A 62 -10.82 -56.78 21.14
CA LYS A 62 -11.48 -56.49 22.43
C LYS A 62 -12.82 -57.21 22.53
N ALA A 63 -13.48 -57.41 21.37
CA ALA A 63 -14.76 -58.12 21.26
C ALA A 63 -14.54 -59.65 21.34
N ARG A 64 -13.48 -60.16 20.67
CA ARG A 64 -13.12 -61.59 20.65
C ARG A 64 -12.27 -62.04 21.85
N GLY A 65 -11.90 -61.10 22.72
CA GLY A 65 -11.09 -61.37 23.91
C GLY A 65 -9.65 -61.76 23.63
N GLU A 66 -9.14 -61.41 22.43
CA GLU A 66 -7.78 -61.72 21.95
C GLU A 66 -6.73 -60.78 22.57
N ASP A 67 -5.43 -61.04 22.32
CA ASP A 67 -4.34 -60.18 22.81
C ASP A 67 -4.41 -58.83 22.05
N ILE A 68 -5.01 -57.82 22.70
CA ILE A 68 -5.21 -56.47 22.15
C ILE A 68 -4.08 -55.49 22.56
N GLU A 69 -2.85 -56.03 22.81
CA GLU A 69 -1.66 -55.26 23.17
C GLU A 69 -0.70 -55.00 21.98
N PRO A 70 -0.39 -55.98 21.06
CA PRO A 70 0.48 -55.67 19.91
C PRO A 70 -0.12 -54.62 18.97
N LEU A 71 -1.46 -54.73 18.71
CA LEU A 71 -2.23 -53.78 17.89
C LEU A 71 -2.24 -52.37 18.52
N ARG A 72 -2.17 -52.28 19.87
CA ARG A 72 -2.13 -51.04 20.64
C ARG A 72 -0.80 -50.31 20.37
N LEU A 73 0.30 -51.10 20.26
CA LEU A 73 1.61 -50.57 19.94
C LEU A 73 1.60 -50.08 18.47
N GLU A 74 0.95 -50.86 17.58
CA GLU A 74 0.77 -50.58 16.15
C GLU A 74 0.01 -49.28 15.92
N VAL A 75 -1.16 -49.11 16.60
CA VAL A 75 -2.02 -47.93 16.52
C VAL A 75 -1.31 -46.65 17.03
N ASN A 76 -0.53 -46.76 18.12
CA ASN A 76 0.20 -45.63 18.69
C ASN A 76 1.39 -45.19 17.83
N LYS A 77 2.06 -46.16 17.15
CA LYS A 77 3.17 -45.91 16.22
C LYS A 77 2.62 -45.20 14.96
N LEU A 78 1.38 -45.54 14.56
CA LEU A 78 0.69 -44.94 13.43
C LEU A 78 0.25 -43.52 13.79
N GLY A 79 -0.27 -43.35 15.00
CA GLY A 79 -0.68 -42.05 15.55
C GLY A 79 0.49 -41.07 15.62
N GLU A 80 1.71 -41.59 15.87
CA GLU A 80 2.94 -40.80 15.92
C GLU A 80 3.32 -40.41 14.50
N GLU A 81 3.35 -41.40 13.57
CA GLU A 81 3.64 -41.19 12.16
C GLU A 81 2.68 -40.15 11.56
N LEU A 82 1.38 -40.18 11.94
CA LEU A 82 0.35 -39.23 11.50
C LEU A 82 0.74 -37.80 11.94
N ASP A 83 1.05 -37.65 13.25
CA ASP A 83 1.47 -36.40 13.89
C ASP A 83 2.72 -35.81 13.23
N ALA A 84 3.77 -36.63 13.02
CA ALA A 84 4.97 -36.19 12.32
C ALA A 84 4.63 -35.66 10.90
N ALA A 85 3.71 -36.36 10.19
CA ALA A 85 3.26 -36.04 8.83
C ALA A 85 2.47 -34.73 8.81
N LYS A 86 1.48 -34.57 9.71
CA LYS A 86 0.70 -33.34 9.84
C LYS A 86 1.65 -32.16 10.17
N ALA A 87 2.71 -32.41 11.00
CA ALA A 87 3.75 -31.43 11.38
C ALA A 87 4.62 -31.06 10.20
N GLU A 88 4.97 -32.03 9.35
CA GLU A 88 5.77 -31.77 8.17
C GLU A 88 4.93 -31.00 7.15
N LEU A 89 3.64 -31.35 7.06
CA LEU A 89 2.68 -30.74 6.15
C LEU A 89 2.42 -29.27 6.50
N ASP A 90 2.20 -28.97 7.81
CA ASP A 90 1.99 -27.60 8.30
C ASP A 90 3.21 -26.72 8.06
N ALA A 91 4.42 -27.25 8.35
CA ALA A 91 5.68 -26.52 8.15
C ALA A 91 5.84 -26.16 6.67
N LEU A 92 5.44 -27.09 5.79
CA LEU A 92 5.47 -26.95 4.34
C LEU A 92 4.47 -25.92 3.82
N GLN A 93 3.21 -25.96 4.30
N GLN A 93 3.22 -25.96 4.31
CA GLN A 93 2.15 -25.02 3.94
CA GLN A 93 2.15 -25.01 3.95
C GLN A 93 2.54 -23.60 4.36
C GLN A 93 2.55 -23.59 4.37
N ALA A 94 3.38 -23.49 5.42
CA ALA A 94 3.92 -22.24 5.96
C ALA A 94 5.03 -21.72 5.05
N GLU A 95 5.90 -22.61 4.53
CA GLU A 95 6.98 -22.24 3.62
C GLU A 95 6.39 -21.71 2.29
N ILE A 96 5.33 -22.38 1.78
CA ILE A 96 4.66 -21.99 0.54
C ILE A 96 4.04 -20.59 0.72
N ARG A 97 3.29 -20.39 1.82
CA ARG A 97 2.65 -19.12 2.20
C ARG A 97 3.68 -18.00 2.31
N ASP A 98 4.79 -18.24 3.01
CA ASP A 98 5.87 -17.27 3.16
C ASP A 98 6.36 -16.82 1.77
N ILE A 99 6.55 -17.79 0.82
CA ILE A 99 6.95 -17.51 -0.56
C ILE A 99 5.87 -16.72 -1.27
N ALA A 100 4.58 -17.17 -1.20
CA ALA A 100 3.43 -16.46 -1.82
C ALA A 100 3.41 -14.98 -1.45
N LEU A 101 3.73 -14.66 -0.19
CA LEU A 101 3.74 -13.30 0.33
C LEU A 101 4.88 -12.42 -0.18
N THR A 102 5.90 -13.00 -0.86
CA THR A 102 7.04 -12.21 -1.40
C THR A 102 6.83 -11.84 -2.87
N ILE A 103 5.78 -12.40 -3.47
CA ILE A 103 5.46 -12.20 -4.87
C ILE A 103 4.71 -10.89 -5.12
N PRO A 104 5.21 -9.99 -6.00
CA PRO A 104 4.47 -8.76 -6.30
C PRO A 104 3.24 -9.03 -7.16
N ASN A 105 2.36 -8.05 -7.33
CA ASN A 105 1.13 -8.19 -8.11
C ASN A 105 1.40 -8.37 -9.59
N LEU A 106 0.50 -9.05 -10.29
CA LEU A 106 0.66 -9.23 -11.74
C LEU A 106 0.23 -7.94 -12.40
N PRO A 107 1.01 -7.35 -13.31
CA PRO A 107 0.58 -6.06 -13.90
C PRO A 107 -0.51 -6.18 -14.97
N ALA A 108 -1.33 -5.14 -15.14
CA ALA A 108 -2.37 -5.10 -16.15
C ALA A 108 -1.74 -5.14 -17.53
N ASP A 109 -2.46 -5.69 -18.50
CA ASP A 109 -1.95 -5.81 -19.85
C ASP A 109 -1.65 -4.47 -20.53
N GLU A 110 -2.41 -3.38 -20.21
CA GLU A 110 -2.15 -2.06 -20.80
C GLU A 110 -0.96 -1.33 -20.17
N VAL A 111 -0.26 -1.95 -19.21
CA VAL A 111 0.91 -1.35 -18.55
C VAL A 111 2.12 -1.54 -19.48
N PRO A 112 2.81 -0.45 -19.88
CA PRO A 112 3.95 -0.64 -20.80
C PRO A 112 5.12 -1.35 -20.12
N VAL A 113 5.78 -2.22 -20.86
CA VAL A 113 6.93 -2.95 -20.36
C VAL A 113 8.07 -1.93 -20.34
N GLY A 114 8.79 -1.88 -19.23
CA GLY A 114 9.93 -1.00 -19.01
C GLY A 114 10.72 -1.36 -17.76
N LYS A 115 11.96 -0.85 -17.67
CA LYS A 115 12.88 -1.18 -16.58
C LYS A 115 12.83 -0.24 -15.38
N ASP A 116 12.68 1.09 -15.59
CA ASP A 116 12.69 2.10 -14.52
C ASP A 116 11.89 3.36 -14.84
N GLU A 117 12.13 4.46 -14.10
CA GLU A 117 11.53 5.80 -14.25
C GLU A 117 11.62 6.34 -15.70
N ASN A 118 12.70 5.98 -16.43
CA ASN A 118 12.90 6.46 -17.81
C ASN A 118 11.95 5.82 -18.82
N ASP A 119 11.31 4.70 -18.44
CA ASP A 119 10.40 3.98 -19.32
C ASP A 119 8.91 4.26 -19.04
N ASN A 120 8.63 5.16 -18.07
CA ASN A 120 7.24 5.55 -17.80
C ASN A 120 6.75 6.46 -18.93
N VAL A 121 5.48 6.27 -19.33
CA VAL A 121 4.90 7.02 -20.43
C VAL A 121 3.96 8.14 -19.95
N GLU A 122 4.12 9.34 -20.54
CA GLU A 122 3.22 10.46 -20.29
C GLU A 122 1.93 10.20 -21.11
N VAL A 123 0.79 10.21 -20.43
CA VAL A 123 -0.48 9.92 -21.07
C VAL A 123 -1.31 11.21 -21.30
N SER A 124 -1.06 12.26 -20.50
CA SER A 124 -1.71 13.57 -20.60
C SER A 124 -0.99 14.62 -19.75
N ARG A 125 -1.32 15.90 -19.98
CA ARG A 125 -0.84 17.03 -19.20
C ARG A 125 -1.86 18.18 -19.15
N TRP A 126 -1.79 19.01 -18.11
CA TRP A 126 -2.69 20.13 -17.93
C TRP A 126 -1.91 21.33 -17.47
N GLY A 127 -2.34 22.48 -17.96
CA GLY A 127 -1.79 23.79 -17.60
C GLY A 127 -0.46 24.05 -18.24
N THR A 128 -0.07 25.32 -18.28
CA THR A 128 1.21 25.72 -18.85
C THR A 128 2.09 26.34 -17.77
N PRO A 129 3.33 25.84 -17.60
CA PRO A 129 4.24 26.47 -16.63
C PRO A 129 4.36 27.97 -16.79
N ARG A 130 4.36 28.67 -15.67
CA ARG A 130 4.44 30.12 -15.60
C ARG A 130 5.75 30.62 -16.20
N GLU A 131 5.65 31.69 -17.00
CA GLU A 131 6.79 32.36 -17.61
C GLU A 131 7.19 33.41 -16.59
N PHE A 132 8.26 33.15 -15.85
CA PHE A 132 8.71 34.08 -14.83
C PHE A 132 9.42 35.26 -15.44
N ASP A 133 9.14 36.46 -14.94
CA ASP A 133 9.73 37.72 -15.41
C ASP A 133 10.84 38.15 -14.40
N PHE A 134 11.43 37.15 -13.66
CA PHE A 134 12.52 37.32 -12.67
C PHE A 134 13.22 36.00 -12.38
N GLU A 135 14.34 36.03 -11.60
CA GLU A 135 15.08 34.84 -11.18
C GLU A 135 14.22 34.08 -10.17
N VAL A 136 13.87 32.86 -10.53
CA VAL A 136 13.07 31.91 -9.74
C VAL A 136 13.84 31.51 -8.48
N ARG A 137 13.21 31.65 -7.31
CA ARG A 137 13.80 31.24 -6.04
C ARG A 137 13.21 29.86 -5.64
N ASP A 138 14.01 28.96 -5.03
CA ASP A 138 13.49 27.64 -4.67
C ASP A 138 12.63 27.71 -3.35
N HIS A 139 11.94 26.63 -2.99
CA HIS A 139 11.09 26.61 -1.78
C HIS A 139 11.88 26.77 -0.45
N VAL A 140 13.17 26.35 -0.43
CA VAL A 140 13.99 26.53 0.78
C VAL A 140 14.23 28.03 0.95
N THR A 141 14.59 28.70 -0.16
CA THR A 141 14.82 30.16 -0.19
C THR A 141 13.56 30.88 0.26
N LEU A 142 12.43 30.59 -0.40
CA LEU A 142 11.16 31.18 -0.09
C LEU A 142 10.73 30.94 1.36
N GLY A 143 10.92 29.71 1.85
CA GLY A 143 10.62 29.32 3.23
C GLY A 143 11.42 30.14 4.22
N GLU A 144 12.75 30.18 4.04
CA GLU A 144 13.67 30.94 4.88
C GLU A 144 13.44 32.47 4.82
N MET A 145 13.21 33.03 3.61
CA MET A 145 12.86 34.45 3.45
C MET A 145 11.68 34.78 4.38
N HIS A 146 10.67 33.89 4.45
CA HIS A 146 9.48 34.08 5.26
C HIS A 146 9.58 33.47 6.64
N SER A 147 10.78 33.01 7.07
CA SER A 147 10.99 32.39 8.40
C SER A 147 9.91 31.32 8.70
N GLY A 148 9.61 30.51 7.69
CA GLY A 148 8.58 29.50 7.72
C GLY A 148 9.06 28.08 7.60
N LEU A 149 10.33 27.87 7.19
CA LEU A 149 10.91 26.53 7.07
C LEU A 149 12.16 26.58 7.83
N ASP A 150 12.29 25.68 8.81
CA ASP A 150 13.44 25.61 9.67
C ASP A 150 13.90 24.16 9.84
N PHE A 151 14.87 23.80 9.00
CA PHE A 151 15.52 22.49 8.93
C PHE A 151 16.51 22.28 10.09
N ALA A 152 17.22 23.35 10.50
CA ALA A 152 18.17 23.30 11.62
C ALA A 152 17.43 23.04 12.96
N ALA A 153 16.24 23.64 13.12
CA ALA A 153 15.42 23.42 14.31
C ALA A 153 15.01 21.97 14.41
N ALA A 154 14.69 21.30 13.26
CA ALA A 154 14.22 19.91 13.24
C ALA A 154 15.32 18.90 13.54
N VAL A 155 16.53 19.22 13.10
CA VAL A 155 17.74 18.40 13.38
C VAL A 155 18.00 18.46 14.89
N LYS A 156 17.85 19.65 15.48
CA LYS A 156 18.06 19.81 16.94
C LYS A 156 17.00 19.02 17.69
N LEU A 157 15.74 19.14 17.27
CA LEU A 157 14.60 18.44 17.91
C LEU A 157 14.68 16.93 17.69
N THR A 158 15.01 16.50 16.47
CA THR A 158 15.00 15.04 16.17
C THR A 158 16.27 14.60 15.45
N GLY A 159 16.40 14.97 14.19
CA GLY A 159 17.53 14.56 13.34
C GLY A 159 17.31 15.00 11.91
N SER A 160 18.06 14.44 10.97
CA SER A 160 17.90 14.85 9.57
C SER A 160 16.64 14.27 8.93
N ARG A 161 16.21 14.84 7.79
N ARG A 161 16.21 14.88 7.82
CA ARG A 161 15.00 14.43 7.04
CA ARG A 161 15.04 14.55 7.02
C ARG A 161 13.70 14.69 7.84
C ARG A 161 13.72 14.71 7.83
N PHE A 162 13.69 15.80 8.62
CA PHE A 162 12.54 16.28 9.42
C PHE A 162 12.53 17.81 9.21
N VAL A 163 11.38 18.45 9.35
CA VAL A 163 11.29 19.90 9.15
C VAL A 163 10.38 20.48 10.22
N VAL A 164 10.62 21.75 10.52
CA VAL A 164 9.76 22.57 11.41
C VAL A 164 9.21 23.68 10.51
N MET A 165 7.89 23.86 10.49
CA MET A 165 7.25 24.91 9.66
C MET A 165 6.63 25.92 10.61
N LYS A 166 6.82 27.21 10.34
CA LYS A 166 6.28 28.26 11.25
C LYS A 166 5.54 29.33 10.46
N GLY A 167 4.64 30.02 11.14
CA GLY A 167 3.88 31.16 10.67
C GLY A 167 2.97 30.90 9.49
N GLN A 168 2.95 31.83 8.54
CA GLN A 168 2.09 31.72 7.35
C GLN A 168 2.39 30.49 6.50
N ILE A 169 3.66 29.97 6.49
CA ILE A 169 4.02 28.75 5.75
C ILE A 169 3.29 27.53 6.36
N ALA A 170 3.33 27.42 7.70
CA ALA A 170 2.67 26.36 8.48
C ALA A 170 1.17 26.45 8.28
N ARG A 171 0.62 27.68 8.27
CA ARG A 171 -0.80 27.98 8.05
C ARG A 171 -1.21 27.50 6.64
N MET A 172 -0.36 27.78 5.61
CA MET A 172 -0.60 27.39 4.23
C MET A 172 -0.62 25.87 4.09
N HIS A 173 0.36 25.19 4.75
CA HIS A 173 0.46 23.75 4.76
C HIS A 173 -0.87 23.21 5.36
N ARG A 174 -1.33 23.80 6.47
CA ARG A 174 -2.57 23.43 7.14
C ARG A 174 -3.80 23.64 6.23
N ALA A 175 -3.90 24.81 5.56
CA ALA A 175 -4.95 25.21 4.61
C ALA A 175 -5.10 24.21 3.46
N LEU A 176 -3.96 23.77 2.89
CA LEU A 176 -3.87 22.77 1.83
C LEU A 176 -4.52 21.48 2.22
N SER A 177 -4.24 20.95 3.43
CA SER A 177 -4.86 19.69 3.89
C SER A 177 -6.38 19.83 4.15
N GLN A 178 -6.83 21.00 4.63
CA GLN A 178 -8.25 21.28 4.90
C GLN A 178 -9.03 21.37 3.61
N PHE A 179 -8.44 21.99 2.59
CA PHE A 179 -9.00 22.16 1.26
C PHE A 179 -9.17 20.78 0.59
N MET A 180 -8.13 19.95 0.67
CA MET A 180 -8.12 18.60 0.10
C MET A 180 -9.23 17.74 0.69
N LEU A 181 -9.32 17.64 2.03
CA LEU A 181 -10.34 16.87 2.73
C LEU A 181 -11.73 17.39 2.44
N ASP A 182 -11.91 18.72 2.45
CA ASP A 182 -13.20 19.29 2.15
C ASP A 182 -13.59 18.99 0.70
N LEU A 183 -12.66 19.06 -0.25
CA LEU A 183 -12.95 18.75 -1.65
C LEU A 183 -13.44 17.31 -1.82
N HIS A 184 -12.68 16.36 -1.29
CA HIS A 184 -12.99 14.93 -1.40
C HIS A 184 -14.23 14.50 -0.66
N THR A 185 -14.50 15.09 0.53
CA THR A 185 -15.70 14.74 1.33
C THR A 185 -16.97 15.46 0.88
N GLU A 186 -16.85 16.71 0.40
CA GLU A 186 -18.01 17.47 -0.02
C GLU A 186 -18.36 17.31 -1.48
N GLN A 187 -17.35 17.03 -2.34
CA GLN A 187 -17.54 16.91 -3.80
C GLN A 187 -17.28 15.51 -4.41
N HIS A 188 -16.40 14.69 -3.83
CA HIS A 188 -16.03 13.41 -4.46
C HIS A 188 -16.59 12.13 -3.81
N GLY A 189 -17.52 12.28 -2.85
CA GLY A 189 -18.15 11.14 -2.19
C GLY A 189 -17.28 10.33 -1.27
N TYR A 190 -16.19 10.91 -0.72
CA TYR A 190 -15.35 10.16 0.24
C TYR A 190 -15.81 10.42 1.69
N SER A 191 -15.81 9.40 2.52
CA SER A 191 -16.12 9.62 3.92
C SER A 191 -14.81 9.90 4.67
N GLU A 192 -14.85 10.86 5.57
CA GLU A 192 -13.69 11.26 6.37
C GLU A 192 -13.43 10.24 7.48
N ASN A 193 -12.15 10.04 7.79
CA ASN A 193 -11.75 9.09 8.84
C ASN A 193 -10.60 9.62 9.62
N TYR A 194 -10.62 9.38 10.93
CA TYR A 194 -9.51 9.65 11.84
C TYR A 194 -9.06 8.23 12.22
N VAL A 195 -7.86 7.86 11.82
CA VAL A 195 -7.33 6.51 12.03
C VAL A 195 -6.10 6.48 12.98
N PRO A 196 -5.75 5.31 13.57
CA PRO A 196 -4.47 5.22 14.32
C PRO A 196 -3.26 5.44 13.41
N TYR A 197 -2.17 6.04 13.95
CA TYR A 197 -0.91 6.26 13.20
C TYR A 197 0.09 5.15 13.45
N LEU A 198 -0.26 4.25 14.39
CA LEU A 198 0.50 3.04 14.71
C LEU A 198 -0.41 1.94 14.32
N VAL A 199 0.13 0.91 13.65
CA VAL A 199 -0.65 -0.25 13.22
C VAL A 199 0.02 -1.55 13.58
N ASN A 200 -0.72 -2.66 13.58
CA ASN A 200 -0.19 -3.97 13.92
C ASN A 200 0.35 -4.76 12.73
N GLN A 201 0.97 -5.93 13.02
CA GLN A 201 1.60 -6.80 12.03
C GLN A 201 0.60 -7.33 11.00
N ASP A 202 -0.62 -7.74 11.43
CA ASP A 202 -1.70 -8.19 10.56
C ASP A 202 -2.09 -7.14 9.54
N THR A 203 -2.22 -5.87 9.98
CA THR A 203 -2.56 -4.74 9.10
C THR A 203 -1.49 -4.60 8.00
N LEU A 204 -0.19 -4.64 8.38
CA LEU A 204 0.95 -4.49 7.48
C LEU A 204 1.07 -5.62 6.51
N TYR A 205 0.67 -6.84 6.93
CA TYR A 205 0.61 -7.99 6.03
C TYR A 205 -0.54 -7.80 5.07
N GLY A 206 -1.65 -7.18 5.53
CA GLY A 206 -2.87 -6.93 4.76
C GLY A 206 -2.65 -6.05 3.55
N THR A 207 -1.98 -4.92 3.72
CA THR A 207 -1.78 -4.00 2.60
C THR A 207 -0.45 -4.28 1.86
N GLY A 208 0.38 -5.18 2.40
CA GLY A 208 1.59 -5.62 1.71
C GLY A 208 2.93 -5.03 2.12
N GLN A 209 2.96 -4.22 3.19
CA GLN A 209 4.21 -3.66 3.70
C GLN A 209 5.03 -4.82 4.27
N LEU A 210 4.35 -5.87 4.74
CA LEU A 210 4.98 -7.08 5.22
C LEU A 210 4.67 -8.26 4.27
N PRO A 211 5.60 -9.21 4.11
CA PRO A 211 6.87 -9.38 4.84
C PRO A 211 8.12 -8.67 4.31
N LYS A 212 8.06 -8.15 3.09
CA LYS A 212 9.21 -7.63 2.35
C LYS A 212 9.71 -6.26 2.68
N PHE A 213 8.88 -5.35 3.23
CA PHE A 213 9.29 -3.96 3.39
C PHE A 213 9.36 -3.44 4.84
N ALA A 214 9.63 -4.33 5.82
CA ALA A 214 9.79 -3.94 7.23
C ALA A 214 10.83 -2.82 7.37
N GLY A 215 11.89 -2.88 6.57
CA GLY A 215 12.99 -1.92 6.56
C GLY A 215 12.63 -0.51 6.14
N ASP A 216 11.46 -0.35 5.50
CA ASP A 216 11.00 0.96 5.04
C ASP A 216 10.26 1.72 6.12
N LEU A 217 10.03 1.04 7.27
CA LEU A 217 9.20 1.46 8.39
C LEU A 217 9.90 1.80 9.68
N PHE A 218 9.24 2.62 10.51
CA PHE A 218 9.64 2.91 11.87
C PHE A 218 8.87 1.91 12.74
N HIS A 219 9.58 1.13 13.56
CA HIS A 219 8.96 0.16 14.43
C HIS A 219 9.05 0.62 15.87
N THR A 220 7.94 0.48 16.62
CA THR A 220 7.96 0.82 18.05
C THR A 220 8.26 -0.40 18.88
N ARG A 221 9.01 -0.19 19.96
CA ARG A 221 9.34 -1.27 20.88
C ARG A 221 8.05 -1.60 21.65
N PRO A 222 7.76 -2.90 21.96
CA PRO A 222 6.50 -3.23 22.68
C PRO A 222 6.44 -2.58 24.06
N LEU A 223 5.22 -2.27 24.53
CA LEU A 223 5.02 -1.67 25.85
C LEU A 223 5.10 -2.73 26.95
N GLU A 224 5.72 -2.39 28.10
CA GLU A 224 5.88 -3.30 29.24
C GLU A 224 4.55 -3.99 29.67
N GLU A 225 3.42 -3.22 29.70
CA GLU A 225 2.10 -3.69 30.12
C GLU A 225 1.26 -4.29 28.97
N GLU A 226 1.79 -4.28 27.72
CA GLU A 226 1.18 -4.88 26.51
C GLU A 226 2.23 -5.74 25.75
N ALA A 227 3.16 -6.29 26.53
CA ALA A 227 4.35 -7.07 26.19
C ALA A 227 4.27 -7.90 24.90
N ASP A 228 3.18 -8.69 24.69
CA ASP A 228 3.07 -9.54 23.51
C ASP A 228 2.07 -9.08 22.44
N THR A 229 1.49 -7.86 22.57
CA THR A 229 0.50 -7.40 21.58
C THR A 229 0.72 -5.94 21.12
N SER A 230 1.93 -5.40 21.35
CA SER A 230 2.23 -4.01 20.99
C SER A 230 3.43 -3.89 20.04
N ASN A 231 3.60 -4.88 19.15
CA ASN A 231 4.65 -4.83 18.13
C ASN A 231 4.05 -4.02 16.97
N TYR A 232 4.16 -2.69 17.09
CA TYR A 232 3.57 -1.72 16.18
C TYR A 232 4.57 -1.06 15.25
N ALA A 233 4.07 -0.52 14.15
CA ALA A 233 4.87 0.23 13.21
C ALA A 233 4.14 1.55 12.92
N LEU A 234 4.91 2.59 12.60
CA LEU A 234 4.27 3.86 12.25
C LEU A 234 3.78 3.74 10.80
N ILE A 235 2.58 4.26 10.55
CA ILE A 235 1.97 4.14 9.24
C ILE A 235 2.79 4.86 8.16
N PRO A 236 3.09 4.19 7.03
CA PRO A 236 3.86 4.87 5.96
C PRO A 236 2.99 5.71 5.04
N THR A 237 1.67 5.50 5.13
CA THR A 237 0.62 6.05 4.30
C THR A 237 -0.73 5.66 4.91
N ALA A 238 -1.74 6.53 4.82
CA ALA A 238 -3.09 6.25 5.33
C ALA A 238 -3.75 5.08 4.59
N GLU A 239 -3.23 4.69 3.41
CA GLU A 239 -3.70 3.51 2.67
C GLU A 239 -3.73 2.26 3.62
N VAL A 240 -2.67 2.15 4.48
CA VAL A 240 -2.50 1.03 5.39
C VAL A 240 -3.72 0.93 6.35
N PRO A 241 -3.99 1.89 7.29
CA PRO A 241 -5.17 1.74 8.15
C PRO A 241 -6.51 1.71 7.37
N LEU A 242 -6.68 2.61 6.42
CA LEU A 242 -7.91 2.71 5.61
C LEU A 242 -8.27 1.41 4.91
N THR A 243 -7.37 0.84 4.10
CA THR A 243 -7.68 -0.41 3.36
C THR A 243 -8.04 -1.57 4.32
N ASN A 244 -7.38 -1.65 5.48
CA ASN A 244 -7.63 -2.69 6.47
C ASN A 244 -8.94 -2.57 7.25
N LEU A 245 -9.68 -1.46 7.09
CA LEU A 245 -10.95 -1.29 7.78
C LEU A 245 -11.98 -2.38 7.33
N VAL A 246 -11.82 -2.97 6.10
CA VAL A 246 -12.68 -4.00 5.52
C VAL A 246 -12.03 -5.37 5.65
N ARG A 247 -10.87 -5.46 6.33
CA ARG A 247 -10.19 -6.72 6.52
C ARG A 247 -11.13 -7.74 7.22
N GLY A 248 -11.21 -8.94 6.65
CA GLY A 248 -12.02 -10.02 7.18
C GLY A 248 -13.52 -9.84 7.12
N GLU A 249 -13.98 -9.01 6.19
CA GLU A 249 -15.39 -8.68 6.03
C GLU A 249 -15.97 -9.24 4.77
N ILE A 250 -17.30 -9.44 4.79
CA ILE A 250 -18.10 -9.83 3.63
C ILE A 250 -19.10 -8.67 3.42
N ILE A 251 -18.81 -7.82 2.45
CA ILE A 251 -19.60 -6.64 2.15
C ILE A 251 -20.72 -6.98 1.16
N ASP A 252 -21.92 -6.38 1.33
CA ASP A 252 -22.98 -6.58 0.36
C ASP A 252 -22.53 -5.76 -0.84
N GLU A 253 -22.56 -6.33 -2.05
CA GLU A 253 -22.16 -5.64 -3.27
C GLU A 253 -22.89 -4.32 -3.51
N ASP A 254 -24.09 -4.16 -2.94
CA ASP A 254 -24.85 -2.91 -3.06
C ASP A 254 -24.24 -1.81 -2.22
N ASP A 255 -23.46 -2.15 -1.19
CA ASP A 255 -22.76 -1.21 -0.31
C ASP A 255 -21.43 -0.78 -0.87
N LEU A 256 -21.03 -1.31 -2.04
CA LEU A 256 -19.82 -0.96 -2.77
C LEU A 256 -20.19 0.06 -3.87
N PRO A 257 -19.28 1.01 -4.22
CA PRO A 257 -17.94 1.26 -3.63
C PRO A 257 -17.95 1.86 -2.23
N ILE A 258 -16.88 1.59 -1.47
CA ILE A 258 -16.60 2.23 -0.16
C ILE A 258 -15.47 3.19 -0.52
N LYS A 259 -15.69 4.48 -0.29
CA LYS A 259 -14.72 5.54 -0.59
C LYS A 259 -14.33 6.20 0.72
N MET A 260 -13.06 6.09 1.10
CA MET A 260 -12.56 6.64 2.38
C MET A 260 -11.42 7.62 2.17
N THR A 261 -11.44 8.71 2.94
CA THR A 261 -10.35 9.69 2.89
C THR A 261 -9.84 9.92 4.29
N ALA A 262 -8.59 10.39 4.42
CA ALA A 262 -7.99 10.63 5.72
C ALA A 262 -6.80 11.51 5.55
N HIS A 263 -6.55 12.38 6.53
CA HIS A 263 -5.38 13.22 6.53
C HIS A 263 -4.48 12.75 7.63
N THR A 264 -3.32 12.21 7.27
CA THR A 264 -2.44 11.77 8.34
C THR A 264 -0.97 12.15 8.08
N PRO A 265 -0.09 12.17 9.16
CA PRO A 265 1.36 12.17 8.93
C PRO A 265 1.73 10.76 8.40
N CYS A 266 2.82 10.66 7.65
CA CYS A 266 3.34 9.43 7.05
C CYS A 266 4.78 9.30 7.41
N PHE A 267 5.21 8.07 7.79
CA PHE A 267 6.55 7.83 8.31
C PHE A 267 7.28 6.80 7.52
N ARG A 268 8.43 7.20 6.94
CA ARG A 268 9.26 6.37 6.09
C ARG A 268 10.72 6.42 6.51
N SER A 269 11.34 5.25 6.68
CA SER A 269 12.75 5.12 7.03
C SER A 269 13.65 5.72 5.91
N GLU A 270 13.11 5.69 4.69
CA GLU A 270 13.78 6.23 3.47
C GLU A 270 15.11 5.50 3.22
N ALA A 271 15.14 4.19 3.48
CA ALA A 271 16.39 3.42 3.29
C ALA A 271 16.73 3.36 1.79
N GLY A 272 18.02 3.50 1.47
CA GLY A 272 18.48 3.46 0.06
C GLY A 272 18.46 4.81 -0.62
N SER A 273 18.10 5.88 0.09
CA SER A 273 18.10 7.23 -0.54
C SER A 273 19.30 8.02 -0.03
N TYR A 274 20.18 8.46 -0.93
CA TYR A 274 21.40 9.22 -0.56
C TYR A 274 21.66 10.33 -1.58
N GLY A 280 14.90 20.03 -0.10
CA GLY A 280 14.38 20.48 1.19
C GLY A 280 13.23 19.60 1.62
N LEU A 281 11.99 20.04 1.33
CA LEU A 281 10.78 19.23 1.60
C LEU A 281 10.57 18.13 0.48
N ILE A 282 11.69 17.53 0.00
N ILE A 282 11.64 17.46 0.00
CA ILE A 282 11.75 16.53 -1.06
CA ILE A 282 11.42 16.47 -1.06
C ILE A 282 11.41 15.14 -0.49
C ILE A 282 11.31 15.04 -0.44
N ARG A 283 12.31 14.53 0.32
CA ARG A 283 12.11 13.17 0.87
C ARG A 283 12.31 13.05 2.39
N MET A 284 11.29 13.41 3.17
CA MET A 284 11.37 13.40 4.66
C MET A 284 10.95 12.07 5.29
N HIS A 285 11.32 11.87 6.56
CA HIS A 285 10.98 10.70 7.37
C HIS A 285 9.54 10.82 7.83
N GLN A 286 9.05 12.08 7.96
CA GLN A 286 7.69 12.46 8.29
C GLN A 286 7.17 13.47 7.29
N PHE A 287 5.98 13.22 6.76
CA PHE A 287 5.26 14.09 5.82
C PHE A 287 3.75 13.82 5.89
N ASP A 288 2.94 14.82 5.65
CA ASP A 288 1.49 14.72 5.68
C ASP A 288 0.98 14.34 4.30
N LYS A 289 -0.11 13.58 4.27
CA LYS A 289 -0.76 13.22 3.02
C LYS A 289 -2.26 13.01 3.25
N VAL A 290 -3.06 13.55 2.30
CA VAL A 290 -4.52 13.34 2.25
C VAL A 290 -4.66 12.17 1.26
N GLU A 291 -5.13 11.05 1.79
CA GLU A 291 -5.22 9.82 1.05
C GLU A 291 -6.64 9.50 0.64
N MET A 292 -6.77 8.81 -0.51
CA MET A 292 -8.06 8.33 -0.99
C MET A 292 -7.98 6.85 -1.09
N VAL A 293 -8.97 6.14 -0.56
CA VAL A 293 -8.98 4.68 -0.67
C VAL A 293 -10.32 4.25 -1.24
N GLN A 294 -10.34 3.28 -2.14
CA GLN A 294 -11.62 2.77 -2.67
C GLN A 294 -11.71 1.24 -2.57
N ILE A 295 -12.83 0.72 -2.04
CA ILE A 295 -13.14 -0.70 -2.00
C ILE A 295 -14.26 -0.89 -3.01
N VAL A 296 -14.01 -1.65 -4.07
CA VAL A 296 -14.95 -1.78 -5.19
C VAL A 296 -15.18 -3.23 -5.62
N ARG A 297 -16.20 -3.44 -6.47
CA ARG A 297 -16.46 -4.76 -7.04
C ARG A 297 -15.34 -5.01 -8.06
N PRO A 298 -14.96 -6.27 -8.34
CA PRO A 298 -13.89 -6.51 -9.34
C PRO A 298 -14.13 -5.90 -10.72
N GLU A 299 -15.39 -5.76 -11.14
CA GLU A 299 -15.72 -5.20 -12.46
C GLU A 299 -15.54 -3.69 -12.55
N ASP A 300 -15.27 -3.01 -11.44
CA ASP A 300 -15.27 -1.56 -11.39
C ASP A 300 -13.93 -0.91 -11.11
N SER A 301 -12.92 -1.70 -10.73
CA SER A 301 -11.62 -1.15 -10.36
C SER A 301 -10.93 -0.27 -11.41
N MET A 302 -10.93 -0.66 -12.71
CA MET A 302 -10.30 0.16 -13.76
C MET A 302 -11.02 1.52 -13.93
N ALA A 303 -12.39 1.53 -13.82
CA ALA A 303 -13.19 2.76 -13.85
C ALA A 303 -12.85 3.62 -12.62
N ALA A 304 -12.74 2.99 -11.45
CA ALA A 304 -12.43 3.59 -10.17
C ALA A 304 -11.06 4.25 -10.17
N LEU A 305 -10.07 3.64 -10.89
CA LEU A 305 -8.73 4.20 -11.02
C LEU A 305 -8.79 5.55 -11.74
N GLU A 306 -9.59 5.63 -12.81
CA GLU A 306 -9.82 6.85 -13.57
C GLU A 306 -10.45 7.91 -12.72
N GLU A 307 -11.48 7.53 -11.97
CA GLU A 307 -12.28 8.38 -11.10
C GLU A 307 -11.40 9.01 -10.03
N MET A 308 -10.63 8.17 -9.30
CA MET A 308 -9.72 8.56 -8.24
C MET A 308 -8.60 9.47 -8.73
N THR A 309 -7.95 9.15 -9.89
CA THR A 309 -6.90 9.99 -10.49
C THR A 309 -7.51 11.36 -10.78
N GLY A 310 -8.75 11.38 -11.31
CA GLY A 310 -9.53 12.58 -11.56
C GLY A 310 -9.66 13.41 -10.30
N HIS A 311 -10.04 12.77 -9.19
CA HIS A 311 -10.15 13.42 -7.88
C HIS A 311 -8.85 14.08 -7.45
N ALA A 312 -7.69 13.41 -7.68
CA ALA A 312 -6.34 13.94 -7.37
C ALA A 312 -6.02 15.12 -8.32
N GLU A 313 -6.38 14.99 -9.59
CA GLU A 313 -6.17 16.01 -10.60
C GLU A 313 -6.93 17.27 -10.31
N LYS A 314 -8.18 17.16 -9.82
CA LYS A 314 -9.02 18.30 -9.44
C LYS A 314 -8.35 19.19 -8.40
N VAL A 315 -7.59 18.59 -7.43
CA VAL A 315 -6.84 19.37 -6.41
C VAL A 315 -5.84 20.28 -7.14
N LEU A 316 -5.07 19.71 -8.09
CA LEU A 316 -4.07 20.46 -8.84
C LEU A 316 -4.68 21.56 -9.71
N GLN A 317 -5.78 21.25 -10.39
CA GLN A 317 -6.50 22.19 -11.25
C GLN A 317 -7.05 23.36 -10.48
N LEU A 318 -7.77 23.09 -9.39
CA LEU A 318 -8.32 24.14 -8.55
C LEU A 318 -7.23 25.06 -7.91
N LEU A 319 -6.01 24.53 -7.69
CA LEU A 319 -4.89 25.31 -7.18
C LEU A 319 -4.08 25.96 -8.32
N GLY A 320 -4.50 25.77 -9.58
CA GLY A 320 -3.85 26.33 -10.77
C GLY A 320 -2.43 25.87 -10.97
N LEU A 321 -2.15 24.61 -10.61
CA LEU A 321 -0.81 24.03 -10.68
C LEU A 321 -0.65 23.13 -11.94
N PRO A 322 0.18 23.53 -12.94
CA PRO A 322 0.38 22.66 -14.10
C PRO A 322 1.05 21.34 -13.69
N TYR A 323 0.63 20.27 -14.36
CA TYR A 323 1.09 18.93 -14.05
C TYR A 323 1.01 18.07 -15.31
N ARG A 324 1.51 16.84 -15.20
CA ARG A 324 1.39 15.84 -16.23
C ARG A 324 0.99 14.50 -15.55
N LYS A 325 0.31 13.63 -16.31
CA LYS A 325 -0.15 12.31 -15.87
C LYS A 325 0.72 11.32 -16.60
N ILE A 326 1.31 10.43 -15.81
CA ILE A 326 2.27 9.42 -16.22
C ILE A 326 1.71 8.06 -15.87
N ILE A 327 1.76 7.13 -16.79
CA ILE A 327 1.43 5.74 -16.52
C ILE A 327 2.77 5.06 -16.20
N LEU A 328 2.87 4.41 -15.04
CA LEU A 328 4.12 3.71 -14.69
C LEU A 328 4.35 2.48 -15.60
N CYS A 329 5.61 2.12 -15.85
CA CYS A 329 5.91 0.94 -16.64
C CYS A 329 5.99 -0.24 -15.65
N THR A 330 5.99 -1.49 -16.15
CA THR A 330 6.05 -2.70 -15.29
C THR A 330 7.15 -2.65 -14.18
N GLY A 331 8.33 -2.15 -14.54
CA GLY A 331 9.47 -2.04 -13.63
C GLY A 331 9.52 -0.88 -12.66
N ASP A 332 8.58 0.06 -12.75
CA ASP A 332 8.56 1.20 -11.81
C ASP A 332 7.35 1.18 -10.83
N MET A 333 6.50 0.12 -10.88
CA MET A 333 5.33 0.06 -9.99
C MET A 333 5.70 -0.44 -8.62
N GLY A 334 4.84 -0.11 -7.65
CA GLY A 334 4.98 -0.63 -6.29
C GLY A 334 4.59 -2.10 -6.30
N PHE A 335 5.02 -2.81 -5.28
CA PHE A 335 4.80 -4.24 -5.07
C PHE A 335 3.34 -4.70 -5.34
N GLY A 336 2.39 -4.03 -4.71
CA GLY A 336 0.98 -4.36 -4.80
C GLY A 336 0.19 -3.83 -5.97
N ALA A 337 0.78 -2.97 -6.80
CA ALA A 337 0.03 -2.38 -7.91
C ALA A 337 -0.04 -3.26 -9.13
N CYS A 338 -1.18 -3.20 -9.82
CA CYS A 338 -1.33 -3.89 -11.10
C CYS A 338 -1.34 -2.82 -12.22
N LYS A 339 -1.62 -1.55 -11.86
CA LYS A 339 -1.66 -0.37 -12.73
C LYS A 339 -1.58 0.89 -11.86
N THR A 340 -0.71 1.85 -12.24
CA THR A 340 -0.48 3.10 -11.52
C THR A 340 -0.39 4.31 -12.42
N TYR A 341 -1.05 5.39 -12.02
CA TYR A 341 -0.89 6.68 -12.66
C TYR A 341 -0.22 7.54 -11.63
N ASP A 342 0.80 8.26 -12.05
CA ASP A 342 1.46 9.22 -11.20
C ASP A 342 1.22 10.62 -11.74
N LEU A 343 0.85 11.53 -10.86
CA LEU A 343 0.72 12.93 -11.20
C LEU A 343 2.00 13.60 -10.74
N GLU A 344 2.59 14.39 -11.65
CA GLU A 344 3.83 15.10 -11.44
C GLU A 344 3.58 16.57 -11.69
N VAL A 345 3.82 17.41 -10.66
CA VAL A 345 3.56 18.85 -10.67
C VAL A 345 4.78 19.66 -11.13
N TRP A 346 4.51 20.81 -11.75
CA TRP A 346 5.60 21.68 -12.20
C TRP A 346 6.27 22.35 -11.02
N ILE A 347 7.61 22.26 -10.97
CA ILE A 347 8.49 22.83 -9.95
C ILE A 347 9.40 23.83 -10.66
N PRO A 348 9.02 25.13 -10.62
CA PRO A 348 9.80 26.15 -11.33
C PRO A 348 11.32 26.10 -11.11
N ALA A 349 11.76 26.02 -9.84
CA ALA A 349 13.19 26.03 -9.48
C ALA A 349 14.01 24.85 -9.97
N GLN A 350 13.36 23.76 -10.38
CA GLN A 350 13.98 22.53 -10.87
C GLN A 350 13.77 22.38 -12.39
N ASN A 351 12.95 23.27 -12.97
CA ASN A 351 12.63 23.28 -14.39
C ASN A 351 12.16 21.90 -14.88
N THR A 352 11.31 21.26 -14.05
CA THR A 352 10.80 19.92 -14.31
C THR A 352 9.57 19.63 -13.45
N TYR A 353 8.92 18.48 -13.70
CA TYR A 353 7.74 18.00 -12.98
C TYR A 353 8.17 16.97 -11.94
N ARG A 354 7.68 17.11 -10.72
CA ARG A 354 8.01 16.23 -9.62
C ARG A 354 6.76 15.54 -9.07
N GLU A 355 6.88 14.23 -8.76
CA GLU A 355 5.78 13.40 -8.26
C GLU A 355 5.05 14.02 -7.06
N ILE A 356 3.71 14.09 -7.14
CA ILE A 356 2.85 14.69 -6.11
C ILE A 356 1.77 13.69 -5.70
N SER A 357 1.52 12.69 -6.56
CA SER A 357 0.53 11.67 -6.29
C SER A 357 0.83 10.40 -7.02
N SER A 358 0.40 9.29 -6.44
CA SER A 358 0.44 7.96 -7.03
C SER A 358 -0.92 7.35 -6.84
N CYS A 359 -1.63 7.01 -7.94
CA CYS A 359 -2.96 6.38 -7.88
C CYS A 359 -2.86 4.98 -8.48
N SER A 360 -3.17 3.93 -7.68
CA SER A 360 -3.04 2.54 -8.14
C SER A 360 -4.26 1.70 -8.03
N ASN A 361 -4.41 0.76 -8.97
CA ASN A 361 -5.40 -0.29 -8.93
C ASN A 361 -4.59 -1.46 -8.38
N VAL A 362 -4.96 -1.89 -7.17
CA VAL A 362 -4.23 -2.98 -6.47
C VAL A 362 -4.88 -4.33 -6.76
N TRP A 363 -5.94 -4.33 -7.56
CA TRP A 363 -6.69 -5.56 -7.95
C TRP A 363 -7.23 -6.26 -6.69
N ASP A 364 -7.07 -7.59 -6.61
CA ASP A 364 -7.54 -8.39 -5.45
C ASP A 364 -6.37 -8.82 -4.57
N PHE A 365 -5.19 -8.25 -4.84
CA PHE A 365 -3.93 -8.56 -4.16
C PHE A 365 -3.99 -8.36 -2.63
N GLN A 366 -4.46 -7.20 -2.15
CA GLN A 366 -4.60 -6.93 -0.72
C GLN A 366 -5.87 -7.60 -0.20
N ALA A 367 -6.96 -7.58 -1.02
CA ALA A 367 -8.22 -8.25 -0.64
C ALA A 367 -7.95 -9.72 -0.31
N ARG A 368 -7.05 -10.41 -1.06
CA ARG A 368 -6.67 -11.81 -0.82
C ARG A 368 -5.94 -11.97 0.51
N ARG A 369 -5.08 -11.00 0.88
N ARG A 369 -5.08 -11.00 0.88
CA ARG A 369 -4.31 -10.99 2.12
CA ARG A 369 -4.34 -11.03 2.13
C ARG A 369 -5.20 -10.69 3.33
C ARG A 369 -5.24 -10.73 3.31
N MET A 370 -6.19 -9.79 3.14
CA MET A 370 -7.13 -9.37 4.21
C MET A 370 -8.37 -10.28 4.28
N GLN A 371 -8.62 -11.05 3.21
CA GLN A 371 -9.82 -11.90 3.05
C GLN A 371 -11.08 -11.03 3.10
N ALA A 372 -11.00 -9.92 2.34
CA ALA A 372 -12.03 -8.90 2.19
C ALA A 372 -12.81 -9.31 0.93
N ARG A 373 -14.05 -9.76 1.15
CA ARG A 373 -14.93 -10.31 0.14
C ARG A 373 -16.25 -9.55 0.04
N CYS A 374 -17.01 -9.82 -1.02
CA CYS A 374 -18.34 -9.26 -1.26
C CYS A 374 -19.29 -10.33 -1.72
N ARG A 375 -20.55 -10.16 -1.34
CA ARG A 375 -21.65 -11.05 -1.64
C ARG A 375 -22.72 -10.29 -2.43
N SER A 376 -23.48 -11.01 -3.26
CA SER A 376 -24.59 -10.48 -4.07
C SER A 376 -25.94 -11.05 -3.60
N LYS A 377 -26.88 -10.16 -3.21
CA LYS A 377 -28.21 -10.55 -2.73
N LYS A 380 -26.35 -15.81 -2.21
CA LYS A 380 -25.37 -16.22 -3.21
C LYS A 380 -23.93 -16.39 -2.65
N LYS A 381 -22.97 -16.83 -3.52
CA LYS A 381 -21.54 -17.08 -3.23
C LYS A 381 -20.71 -15.78 -3.10
N THR A 382 -19.48 -15.88 -2.52
CA THR A 382 -18.61 -14.71 -2.32
C THR A 382 -17.34 -14.72 -3.20
N ARG A 383 -16.79 -13.52 -3.38
CA ARG A 383 -15.59 -13.28 -4.15
C ARG A 383 -14.89 -12.05 -3.58
N LEU A 384 -13.62 -11.89 -3.92
CA LEU A 384 -12.79 -10.82 -3.43
C LEU A 384 -13.13 -9.50 -4.07
N VAL A 385 -13.11 -8.44 -3.27
CA VAL A 385 -13.28 -7.07 -3.71
C VAL A 385 -11.94 -6.66 -4.34
N HIS A 386 -11.89 -5.45 -4.90
CA HIS A 386 -10.66 -4.85 -5.40
C HIS A 386 -10.42 -3.63 -4.54
N THR A 387 -9.16 -3.27 -4.38
CA THR A 387 -8.81 -2.07 -3.62
C THR A 387 -7.97 -1.14 -4.49
N LEU A 388 -8.10 0.16 -4.22
CA LEU A 388 -7.39 1.25 -4.89
C LEU A 388 -7.05 2.25 -3.84
N ASN A 389 -6.01 3.02 -4.08
CA ASN A 389 -5.51 4.08 -3.22
C ASN A 389 -4.76 5.07 -4.09
N GLY A 390 -4.86 6.34 -3.70
CA GLY A 390 -4.20 7.43 -4.38
C GLY A 390 -4.08 8.65 -3.49
N SER A 391 -3.01 9.43 -3.67
CA SER A 391 -2.80 10.66 -2.89
C SER A 391 -3.61 11.77 -3.52
N GLY A 392 -4.33 12.50 -2.68
CA GLY A 392 -5.12 13.66 -3.10
C GLY A 392 -5.00 14.85 -2.20
N LEU A 393 -3.79 15.36 -1.90
CA LEU A 393 -2.47 14.91 -2.40
C LEU A 393 -1.46 14.82 -1.24
N ALA A 394 -0.18 14.59 -1.55
CA ALA A 394 0.96 14.62 -0.61
C ALA A 394 1.08 16.13 -0.32
N VAL A 395 0.78 16.53 0.93
CA VAL A 395 0.65 17.96 1.32
C VAL A 395 1.95 18.80 1.20
N GLY A 396 3.07 18.28 1.69
CA GLY A 396 4.34 19.00 1.60
C GLY A 396 4.75 19.28 0.18
N ARG A 397 4.56 18.31 -0.75
CA ARG A 397 4.88 18.50 -2.17
C ARG A 397 3.98 19.54 -2.78
N THR A 398 2.72 19.62 -2.36
CA THR A 398 1.77 20.63 -2.84
C THR A 398 2.21 22.04 -2.36
N LEU A 399 2.61 22.14 -1.08
CA LEU A 399 3.15 23.37 -0.51
C LEU A 399 4.36 23.85 -1.30
N VAL A 400 5.29 22.94 -1.66
CA VAL A 400 6.45 23.33 -2.44
C VAL A 400 6.00 23.97 -3.75
N ALA A 401 5.08 23.27 -4.48
CA ALA A 401 4.52 23.64 -5.79
C ALA A 401 3.83 25.01 -5.69
N VAL A 402 3.00 25.22 -4.66
CA VAL A 402 2.30 26.48 -4.41
C VAL A 402 3.32 27.61 -4.16
N MET A 403 4.28 27.40 -3.23
CA MET A 403 5.29 28.40 -2.93
C MET A 403 6.08 28.81 -4.15
N GLU A 404 6.49 27.82 -4.95
CA GLU A 404 7.30 28.12 -6.14
C GLU A 404 6.52 28.68 -7.31
N ASN A 405 5.33 28.14 -7.58
CA ASN A 405 4.53 28.60 -8.70
C ASN A 405 3.87 29.98 -8.48
N TYR A 406 3.57 30.32 -7.21
CA TYR A 406 2.89 31.57 -6.82
C TYR A 406 3.84 32.63 -6.26
N GLN A 407 5.17 32.42 -6.34
CA GLN A 407 6.13 33.40 -5.84
C GLN A 407 6.10 34.67 -6.67
N GLN A 408 6.30 35.83 -6.05
CA GLN A 408 6.35 37.13 -6.73
C GLN A 408 7.79 37.63 -6.76
N ALA A 409 8.05 38.67 -7.55
CA ALA A 409 9.39 39.23 -7.69
C ALA A 409 9.96 39.78 -6.40
N ASP A 410 9.10 40.25 -5.52
CA ASP A 410 9.49 40.84 -4.25
C ASP A 410 9.68 39.79 -3.17
N GLY A 411 9.50 38.52 -3.51
CA GLY A 411 9.67 37.41 -2.57
C GLY A 411 8.38 36.98 -1.90
N ARG A 412 7.32 37.78 -2.00
CA ARG A 412 6.03 37.41 -1.42
C ARG A 412 5.47 36.20 -2.18
N ILE A 413 4.53 35.46 -1.58
CA ILE A 413 3.89 34.29 -2.20
C ILE A 413 2.40 34.59 -2.28
N GLU A 414 1.85 34.62 -3.49
CA GLU A 414 0.42 34.82 -3.67
C GLU A 414 -0.36 33.60 -3.19
N VAL A 415 -1.38 33.80 -2.34
CA VAL A 415 -2.21 32.69 -1.86
C VAL A 415 -3.19 32.27 -2.98
N PRO A 416 -3.16 31.00 -3.45
CA PRO A 416 -4.15 30.56 -4.46
C PRO A 416 -5.57 30.84 -3.99
N GLU A 417 -6.46 31.27 -4.92
CA GLU A 417 -7.82 31.66 -4.60
C GLU A 417 -8.54 30.68 -3.69
N VAL A 418 -8.50 29.36 -3.98
CA VAL A 418 -9.19 28.35 -3.19
C VAL A 418 -8.68 28.26 -1.75
N LEU A 419 -7.46 28.73 -1.44
CA LEU A 419 -6.93 28.62 -0.08
C LEU A 419 -7.23 29.83 0.79
N ARG A 420 -7.54 31.00 0.20
CA ARG A 420 -7.80 32.24 0.95
C ARG A 420 -8.88 32.06 2.03
N PRO A 421 -10.03 31.37 1.78
CA PRO A 421 -11.00 31.14 2.86
C PRO A 421 -10.44 30.33 4.04
N TYR A 422 -9.43 29.49 3.77
CA TYR A 422 -8.77 28.67 4.79
C TYR A 422 -7.65 29.42 5.50
N MET A 423 -7.34 30.63 5.03
CA MET A 423 -6.26 31.47 5.55
C MET A 423 -6.73 32.84 5.98
N ASN A 424 -7.96 32.93 6.53
CA ASN A 424 -8.54 34.19 6.99
C ASN A 424 -8.57 35.30 5.88
N GLY A 425 -8.70 34.88 4.62
CA GLY A 425 -8.77 35.76 3.47
C GLY A 425 -7.48 36.40 3.00
N LEU A 426 -6.33 35.95 3.55
CA LEU A 426 -4.98 36.41 3.24
C LEU A 426 -4.71 36.33 1.73
N GLU A 427 -4.22 37.43 1.16
CA GLU A 427 -3.91 37.46 -0.28
C GLU A 427 -2.48 37.04 -0.59
N TYR A 428 -1.54 37.36 0.32
CA TYR A 428 -0.11 37.05 0.12
C TYR A 428 0.54 36.66 1.40
N ILE A 429 1.61 35.83 1.32
CA ILE A 429 2.49 35.47 2.43
C ILE A 429 3.65 36.49 2.36
N GLY A 430 3.92 37.15 3.47
CA GLY A 430 4.99 38.14 3.60
C GLY A 430 4.57 39.57 3.35
N GLU A 431 5.48 40.52 3.70
CA GLU A 431 5.29 41.97 3.49
C GLU A 431 6.50 42.56 2.78
N JPE B . -0.71 5.28 -0.34
C JPE B . -0.11 5.36 -1.67
O JPE B . -0.88 7.65 -1.79
O3 JPE B . 3.89 6.97 -4.07
S JPE B . 3.50 6.68 -2.75
O2 JPE B . 4.33 5.95 -1.87
N1 JPE B . 2.06 6.00 -2.67
C2 JPE B . 1.32 5.80 -1.48
O1 JPE B . 1.87 5.97 -0.40
C1 JPE B . -0.86 6.43 -2.48
O4 JPE B . 3.29 8.10 -2.05
C3 JPE B . 2.37 9.02 -2.68
C4 JPE B . 3.06 10.36 -2.74
O5 JPE B . 3.65 10.65 -1.46
C7 JPE B . 4.78 11.47 -1.63
C6 JPE B . 5.05 11.58 -3.14
O6 JPE B . 4.60 12.83 -3.63
C5 JPE B . 4.23 10.42 -3.70
O7 JPE B . 3.81 10.71 -5.02
N2 JPE B . 5.88 10.89 -0.87
C10 JPE B . 6.23 9.57 -0.77
N3 JPE B . 7.27 9.35 -0.01
C9 JPE B . 7.63 10.62 0.42
C11 JPE B . 8.64 11.08 1.28
N4 JPE B . 9.49 10.28 1.94
N5 JPE B . 8.72 12.40 1.51
C12 JPE B . 7.83 13.24 0.95
N6 JPE B . 6.85 12.88 0.12
C8 JPE B . 6.79 11.57 -0.11
C13 JPE B . 7.91 14.65 1.33
C17 JPE B . 8.87 15.15 2.19
N7 JPE B . 8.96 16.44 2.54
C16 JPE B . 8.07 17.28 2.03
C15 JPE B . 7.09 16.90 1.16
C14 JPE B . 7.01 15.57 0.80
C7 JPE C . -20.34 0.50 3.25
N2 JPE C . -19.46 -0.31 4.10
C10 JPE C . -19.35 -1.67 4.13
N3 JPE C . -18.39 -2.11 4.91
C9 JPE C . -17.83 -0.95 5.42
C11 JPE C . -16.70 -0.72 6.26
N4 JPE C . -16.08 -1.67 6.94
N5 JPE C . -16.33 0.56 6.46
C12 JPE C . -17.05 1.57 5.96
N6 JPE C . -18.15 1.44 5.19
C8 JPE C . -18.48 0.17 4.94
C13 JPE C . -16.55 2.94 6.17
C17 JPE C . -17.34 4.07 5.94
N7 JPE C . -16.95 5.33 6.21
C16 JPE C . -15.72 5.51 6.71
C15 JPE C . -14.86 4.46 6.97
C14 JPE C . -15.29 3.17 6.72
O3 JPE D . 9.96 31.48 -17.91
S JPE D . 10.67 32.35 -18.79
O2 JPE D . 10.28 33.70 -18.95
N1 JPE D . 10.79 31.74 -20.25
C2 JPE D . 9.97 30.71 -20.86
O4 JPE D . 12.17 32.40 -18.21
C3 JPE D . 12.36 32.31 -16.76
C4 JPE D . 13.74 32.82 -16.44
O5 JPE D . 13.95 34.08 -17.10
C7 JPE D . 14.86 34.88 -16.36
C6 JPE D . 15.14 34.16 -15.04
O6 JPE D . 16.47 33.63 -15.02
C5 JPE D . 14.01 33.12 -14.97
O7 JPE D . 14.31 31.96 -14.21
N2 JPE D . 14.29 36.21 -16.25
C10 JPE D . 13.20 36.69 -16.92
N3 JPE D . 12.92 37.95 -16.65
C9 JPE D . 13.90 38.32 -15.74
C11 JPE D . 14.19 39.53 -15.09
N4 JPE D . 13.46 40.65 -15.23
N5 JPE D . 15.27 39.59 -14.30
C12 JPE D . 16.06 38.50 -14.14
N6 JPE D . 15.84 37.30 -14.70
C8 JPE D . 14.75 37.26 -15.48
C13 JPE D . 17.27 38.64 -13.30
C17 JPE D . 18.12 37.57 -13.03
N7 JPE D . 19.21 37.65 -12.25
C16 JPE D . 19.49 38.84 -11.70
C15 JPE D . 18.71 39.97 -11.89
C14 JPE D . 17.60 39.86 -12.70
CL CL E . -11.48 -16.84 -3.80
CL CL F . 16.97 -2.63 18.58
S SO4 G . 7.29 9.83 -22.73
O1 SO4 G . 8.06 10.98 -23.15
O2 SO4 G . 8.03 8.59 -22.97
O3 SO4 G . 7.08 10.01 -21.27
O4 SO4 G . 5.99 9.86 -23.43
S SO4 H . 10.59 11.22 -5.88
O1 SO4 H . 10.24 12.11 -6.99
O2 SO4 H . 11.52 11.85 -4.97
O3 SO4 H . 9.39 10.84 -5.13
O4 SO4 H . 11.16 10.00 -6.43
S SO4 I . 11.75 15.75 -17.97
O1 SO4 I . 11.06 17.04 -17.73
O2 SO4 I . 12.83 15.97 -18.94
O3 SO4 I . 10.81 14.78 -18.52
O4 SO4 I . 12.32 15.23 -16.73
S DMS J . -2.37 26.89 -15.28
O DMS J . -2.63 27.07 -16.72
C1 DMS J . -3.66 27.75 -14.43
C2 DMS J . -1.00 27.95 -14.91
S DMS K . -13.62 22.92 -1.35
O DMS K . -13.83 23.83 -0.21
C1 DMS K . -13.77 23.98 -2.80
C2 DMS K . -15.06 21.90 -1.50
S DMS L . 0.54 34.50 -10.17
O DMS L . 1.29 33.61 -9.29
C1 DMS L . 1.56 35.94 -10.42
C2 DMS L . 0.68 33.87 -11.82
S DMS M . -3.39 33.97 8.63
O DMS M . -4.17 32.93 7.97
C1 DMS M . -4.03 35.52 8.05
C2 DMS M . -1.84 33.96 7.78
C1 EDO N . 4.81 18.33 5.31
O1 EDO N . 3.83 17.37 4.96
C2 EDO N . 6.04 17.73 6.02
O2 EDO N . 7.21 18.03 5.27
C1 EDO O . 0.22 30.46 -10.74
O1 EDO O . -1.09 30.23 -11.20
C2 EDO O . 1.12 29.66 -11.66
O2 EDO O . 0.42 28.48 -11.93
C1 EDO P . 1.37 -20.33 -3.88
O1 EDO P . -0.04 -20.18 -3.92
C2 EDO P . 1.81 -21.45 -4.85
O2 EDO P . 0.91 -22.53 -4.72
C1 EDO Q . 0.57 -7.32 16.55
O1 EDO Q . 1.48 -6.30 16.12
C2 EDO Q . 0.72 -7.61 18.03
O2 EDO Q . 2.10 -7.79 18.32
C1 EDO R . -14.68 15.48 -9.81
O1 EDO R . -13.47 15.52 -10.59
C2 EDO R . -15.45 16.86 -9.79
O2 EDO R . -15.03 17.72 -8.72
C TRS S . -13.30 27.37 6.19
C1 TRS S . -12.55 26.42 7.12
C2 TRS S . -14.21 26.60 5.23
C3 TRS S . -14.10 28.38 7.02
N TRS S . -12.30 28.12 5.37
O1 TRS S . -11.66 27.14 7.96
O2 TRS S . -14.19 27.16 3.93
O3 TRS S . -13.28 28.98 8.02
#